data_5ZVN
#
_entry.id   5ZVN
#
loop_
_entity.id
_entity.type
_entity.pdbx_description
1 polymer 'glycosylated analogue of Indolicidin'
2 non-polymer beta-D-glucopyranose
#
_entity_poly.entity_id   1
_entity_poly.type   'polypeptide(L)'
_entity_poly.pdbx_seq_one_letter_code
;ILPWKWKWTPWRR(NH2)
;
_entity_poly.pdbx_strand_id   A
#
# COMPACT_ATOMS: atom_id res chain seq x y z
N ILE A 1 -2.18 15.29 -1.69
CA ILE A 1 -2.83 14.07 -1.19
C ILE A 1 -2.19 12.93 -1.98
N LEU A 2 -2.03 11.73 -1.41
CA LEU A 2 -1.50 10.54 -2.08
C LEU A 2 -2.25 9.32 -1.52
N PRO A 3 -3.22 8.74 -2.24
CA PRO A 3 -3.95 7.54 -1.79
C PRO A 3 -3.12 6.27 -2.08
N TRP A 4 -2.24 5.88 -1.16
CA TRP A 4 -1.28 4.76 -1.28
C TRP A 4 -1.89 3.39 -1.65
N LYS A 5 -3.12 3.10 -1.20
CA LYS A 5 -4.03 2.06 -1.69
C LYS A 5 -3.67 0.59 -1.42
N TRP A 6 -2.38 0.23 -1.30
CA TRP A 6 -1.87 -1.15 -1.25
C TRP A 6 -2.15 -1.81 0.13
N LYS A 7 -3.43 -2.04 0.42
CA LYS A 7 -4.01 -2.72 1.58
C LYS A 7 -3.93 -1.86 2.84
N TRP A 8 -2.70 -1.58 3.25
CA TRP A 8 -2.21 -0.92 4.46
C TRP A 8 -0.68 -1.09 4.47
N THR A 9 -0.23 -2.26 4.02
CA THR A 9 1.14 -2.76 4.03
C THR A 9 1.42 -3.44 2.67
N PRO A 10 2.58 -3.21 2.02
CA PRO A 10 2.87 -3.72 0.67
C PRO A 10 3.06 -5.24 0.68
N TRP A 11 2.35 -5.93 -0.21
CA TRP A 11 2.34 -7.40 -0.30
C TRP A 11 3.48 -7.85 -1.24
N ARG A 12 4.72 -7.65 -0.76
CA ARG A 12 5.96 -8.06 -1.40
C ARG A 12 6.20 -9.58 -1.19
N ARG A 13 7.09 -10.18 -1.99
CA ARG A 13 7.44 -11.61 -1.91
C ARG A 13 8.20 -11.92 -0.61
N ILE A 1 -2.77 11.74 -7.77
CA ILE A 1 -1.81 11.37 -6.71
C ILE A 1 -2.64 10.75 -5.58
N LEU A 2 -2.07 9.86 -4.75
CA LEU A 2 -2.73 9.25 -3.60
C LEU A 2 -1.66 9.11 -2.49
N PRO A 3 -1.56 10.05 -1.53
CA PRO A 3 -0.45 10.10 -0.55
C PRO A 3 -0.58 9.11 0.64
N TRP A 4 -1.17 7.92 0.46
CA TRP A 4 -1.37 6.93 1.52
C TRP A 4 -0.73 5.60 1.15
N LYS A 5 -1.48 4.69 0.49
CA LYS A 5 -1.26 3.25 0.32
C LYS A 5 -2.05 2.53 1.41
N TRP A 6 -3.19 1.91 1.08
CA TRP A 6 -4.12 1.34 2.08
C TRP A 6 -3.77 -0.10 2.48
N LYS A 7 -2.92 -0.79 1.70
CA LYS A 7 -2.49 -2.15 2.01
C LYS A 7 -1.28 -2.08 2.95
N TRP A 8 -1.58 -2.13 4.26
CA TRP A 8 -0.61 -2.07 5.35
C TRP A 8 0.22 -3.36 5.50
N THR A 9 -0.17 -4.45 4.80
CA THR A 9 0.58 -5.69 4.68
C THR A 9 0.81 -5.92 3.17
N PRO A 10 1.97 -5.50 2.61
CA PRO A 10 2.28 -5.67 1.20
C PRO A 10 2.81 -7.10 0.94
N TRP A 11 1.92 -8.08 0.75
CA TRP A 11 2.24 -9.49 0.50
C TRP A 11 2.75 -9.72 -0.95
N ARG A 12 3.74 -8.91 -1.38
CA ARG A 12 4.52 -9.06 -2.60
C ARG A 12 5.79 -8.22 -2.42
N ARG A 13 6.90 -8.59 -3.07
CA ARG A 13 8.15 -7.85 -3.04
C ARG A 13 7.99 -6.52 -3.80
N ILE A 1 -8.04 15.14 -2.94
CA ILE A 1 -7.60 13.74 -2.91
C ILE A 1 -6.13 13.73 -2.47
N LEU A 2 -5.62 12.65 -1.90
CA LEU A 2 -4.22 12.47 -1.53
C LEU A 2 -3.91 10.96 -1.60
N PRO A 3 -3.49 10.42 -2.75
CA PRO A 3 -3.29 8.97 -2.93
C PRO A 3 -1.92 8.52 -2.36
N TRP A 4 -1.76 8.55 -1.03
CA TRP A 4 -0.53 8.14 -0.35
C TRP A 4 -0.86 7.20 0.81
N LYS A 5 -0.22 6.03 0.82
CA LYS A 5 -0.11 5.06 1.91
C LYS A 5 -1.39 4.32 2.32
N TRP A 6 -2.55 4.65 1.74
CA TRP A 6 -3.87 4.09 2.00
C TRP A 6 -4.03 2.62 1.53
N LYS A 7 -2.93 1.93 1.22
CA LYS A 7 -2.86 0.54 0.83
C LYS A 7 -1.55 -0.10 1.32
N TRP A 8 -1.63 -1.40 1.64
CA TRP A 8 -0.51 -2.30 1.79
C TRP A 8 -0.64 -3.39 0.70
N THR A 9 0.49 -3.96 0.32
CA THR A 9 0.67 -4.99 -0.70
C THR A 9 1.50 -6.15 -0.09
N PRO A 10 0.89 -7.04 0.72
CA PRO A 10 1.60 -8.17 1.32
C PRO A 10 1.84 -9.26 0.26
N TRP A 11 3.06 -9.81 0.20
CA TRP A 11 3.44 -10.86 -0.73
C TRP A 11 4.62 -11.65 -0.14
N ARG A 12 4.78 -12.90 -0.57
CA ARG A 12 5.89 -13.77 -0.22
C ARG A 12 7.17 -13.30 -0.94
N ARG A 13 8.18 -12.88 -0.17
CA ARG A 13 9.43 -12.28 -0.66
C ARG A 13 10.30 -13.29 -1.43
N ILE A 1 -5.84 16.67 2.50
CA ILE A 1 -6.21 15.99 1.25
C ILE A 1 -5.21 14.83 1.10
N LEU A 2 -5.58 13.71 0.46
CA LEU A 2 -4.69 12.55 0.26
C LEU A 2 -5.02 11.89 -1.10
N PRO A 3 -4.33 12.25 -2.21
CA PRO A 3 -4.49 11.58 -3.50
C PRO A 3 -3.76 10.22 -3.51
N TRP A 4 -4.17 9.30 -4.39
CA TRP A 4 -3.65 7.94 -4.57
C TRP A 4 -4.08 7.01 -3.42
N LYS A 5 -4.10 5.69 -3.66
CA LYS A 5 -4.44 4.66 -2.68
C LYS A 5 -3.91 3.32 -3.18
N TRP A 6 -3.59 2.40 -2.27
CA TRP A 6 -2.97 1.11 -2.53
C TRP A 6 -3.43 0.10 -1.47
N LYS A 7 -2.66 -0.98 -1.27
CA LYS A 7 -2.89 -2.03 -0.27
C LYS A 7 -1.57 -2.42 0.39
N TRP A 8 -1.59 -3.40 1.30
CA TRP A 8 -0.44 -3.92 2.03
C TRP A 8 0.58 -4.58 1.09
N THR A 9 1.88 -4.37 1.33
CA THR A 9 2.99 -5.12 0.74
C THR A 9 2.89 -6.66 0.96
N PRO A 10 3.24 -7.50 -0.04
CA PRO A 10 3.09 -8.97 0.07
C PRO A 10 4.21 -9.61 0.89
N TRP A 11 3.85 -10.22 2.03
CA TRP A 11 4.76 -10.90 2.95
C TRP A 11 5.29 -12.23 2.38
N ARG A 12 4.48 -12.94 1.58
CA ARG A 12 4.84 -14.24 1.02
C ARG A 12 5.68 -13.97 -0.24
N ARG A 13 7.00 -13.96 -0.06
CA ARG A 13 8.00 -13.83 -1.12
C ARG A 13 7.84 -14.95 -2.17
N ILE A 1 -1.10 17.12 -4.56
CA ILE A 1 -0.68 15.85 -3.95
C ILE A 1 -1.96 15.07 -3.62
N LEU A 2 -1.91 13.75 -3.54
CA LEU A 2 -3.03 12.88 -3.15
C LEU A 2 -2.72 12.44 -1.70
N PRO A 3 -3.48 12.85 -0.68
CA PRO A 3 -3.30 12.39 0.71
C PRO A 3 -3.96 11.02 0.94
N TRP A 4 -3.48 10.29 1.97
CA TRP A 4 -3.91 8.94 2.36
C TRP A 4 -3.19 7.86 1.54
N LYS A 5 -3.42 6.57 1.85
CA LYS A 5 -2.97 5.42 1.10
C LYS A 5 -3.71 4.17 1.62
N TRP A 6 -4.11 3.25 0.73
CA TRP A 6 -4.63 1.94 1.09
C TRP A 6 -4.38 0.94 -0.04
N LYS A 7 -3.92 -0.25 0.33
CA LYS A 7 -3.65 -1.51 -0.38
C LYS A 7 -2.48 -2.17 0.37
N TRP A 8 -2.39 -3.51 0.32
CA TRP A 8 -1.39 -4.27 1.06
C TRP A 8 -0.05 -4.28 0.31
N THR A 9 1.03 -4.53 1.06
CA THR A 9 2.39 -4.72 0.57
C THR A 9 2.55 -6.10 -0.14
N PRO A 10 3.54 -6.29 -1.03
CA PRO A 10 3.77 -7.55 -1.77
C PRO A 10 4.41 -8.65 -0.88
N TRP A 11 3.70 -9.05 0.19
CA TRP A 11 4.18 -9.93 1.25
C TRP A 11 4.34 -11.39 0.79
N ARG A 12 3.71 -11.77 -0.33
CA ARG A 12 3.83 -13.07 -0.95
C ARG A 12 5.12 -13.09 -1.79
N ARG A 13 6.25 -13.26 -1.09
CA ARG A 13 7.70 -13.32 -1.40
C ARG A 13 8.18 -13.86 -2.78
N ILE A 1 -2.61 13.78 -6.89
CA ILE A 1 -2.83 13.40 -5.49
C ILE A 1 -2.02 12.13 -5.19
N LEU A 2 -1.90 11.72 -3.93
CA LEU A 2 -1.17 10.53 -3.51
C LEU A 2 -2.03 9.83 -2.44
N PRO A 3 -2.72 8.72 -2.75
CA PRO A 3 -3.52 7.98 -1.75
C PRO A 3 -2.61 7.08 -0.90
N TRP A 4 -2.77 7.12 0.43
CA TRP A 4 -2.00 6.28 1.36
C TRP A 4 -2.80 5.96 2.64
N LYS A 5 -4.13 6.10 2.64
CA LYS A 5 -4.99 5.78 3.80
C LYS A 5 -5.24 4.25 3.86
N TRP A 6 -4.15 3.51 4.10
CA TRP A 6 -3.96 2.07 3.93
C TRP A 6 -3.51 1.78 2.49
N LYS A 7 -2.76 0.69 2.29
CA LYS A 7 -2.21 0.25 1.02
C LYS A 7 -1.73 -1.20 1.15
N TRP A 8 -1.76 -1.94 0.04
CA TRP A 8 -1.38 -3.35 -0.04
C TRP A 8 0.13 -3.47 -0.37
N THR A 9 0.64 -4.70 -0.34
CA THR A 9 1.99 -5.12 -0.69
C THR A 9 1.92 -6.37 -1.59
N PRO A 10 2.90 -6.62 -2.49
CA PRO A 10 2.91 -7.81 -3.35
C PRO A 10 3.33 -9.07 -2.60
N TRP A 11 2.92 -10.25 -3.07
CA TRP A 11 3.17 -11.57 -2.50
C TRP A 11 4.62 -12.07 -2.73
N ARG A 12 5.58 -11.14 -2.87
CA ARG A 12 7.01 -11.33 -2.87
C ARG A 12 7.57 -10.17 -2.05
N ARG A 13 8.17 -10.45 -0.89
CA ARG A 13 8.59 -9.48 0.11
C ARG A 13 9.90 -8.78 -0.36
N ILE A 1 -0.63 13.38 -2.73
CA ILE A 1 0.13 12.21 -2.26
C ILE A 1 -0.49 10.95 -2.87
N LEU A 2 0.13 9.78 -2.71
CA LEU A 2 -0.42 8.48 -3.14
C LEU A 2 -1.46 8.02 -2.11
N PRO A 3 -2.47 7.20 -2.52
CA PRO A 3 -3.46 6.64 -1.58
C PRO A 3 -2.82 5.55 -0.72
N TRP A 4 -2.93 5.68 0.61
CA TRP A 4 -2.24 4.86 1.60
C TRP A 4 -2.72 3.39 1.64
N LYS A 5 -3.99 3.19 1.24
CA LYS A 5 -4.76 1.95 1.13
C LYS A 5 -4.97 1.23 2.49
N TRP A 6 -5.86 0.24 2.52
CA TRP A 6 -6.02 -0.75 3.60
C TRP A 6 -4.90 -1.83 3.53
N LYS A 7 -3.71 -1.45 3.04
CA LYS A 7 -2.48 -2.23 2.89
C LYS A 7 -2.47 -3.13 1.64
N TRP A 8 -3.52 -3.00 0.82
CA TRP A 8 -3.75 -3.57 -0.51
C TRP A 8 -2.79 -3.02 -1.60
N THR A 9 -1.55 -2.73 -1.20
CA THR A 9 -0.33 -2.64 -2.01
C THR A 9 0.85 -2.79 -1.02
N PRO A 10 1.32 -4.00 -0.70
CA PRO A 10 2.53 -4.17 0.11
C PRO A 10 3.76 -3.99 -0.79
N TRP A 11 4.80 -3.29 -0.32
CA TRP A 11 6.09 -3.12 -1.02
C TRP A 11 7.03 -4.30 -0.67
N ARG A 12 6.48 -5.49 -0.46
CA ARG A 12 7.14 -6.76 -0.23
C ARG A 12 6.10 -7.86 -0.48
N ARG A 13 6.52 -9.12 -0.57
CA ARG A 13 5.63 -10.26 -0.74
C ARG A 13 4.84 -10.50 0.58
N ILE A 1 -4.50 13.21 -7.07
CA ILE A 1 -4.04 13.12 -5.66
C ILE A 1 -3.46 11.72 -5.45
N LEU A 2 -2.70 11.50 -4.37
CA LEU A 2 -2.17 10.19 -3.98
C LEU A 2 -3.16 9.55 -2.97
N PRO A 3 -3.16 8.21 -2.82
CA PRO A 3 -4.02 7.51 -1.86
C PRO A 3 -3.53 7.68 -0.41
N TRP A 4 -3.96 8.76 0.25
CA TRP A 4 -3.60 9.21 1.60
C TRP A 4 -3.77 8.22 2.79
N LYS A 5 -4.18 6.98 2.55
CA LYS A 5 -4.22 5.89 3.54
C LYS A 5 -4.11 4.51 2.86
N TRP A 6 -3.15 4.42 1.92
CA TRP A 6 -2.72 3.24 1.16
C TRP A 6 -2.27 2.07 2.07
N LYS A 7 -2.28 0.85 1.53
CA LYS A 7 -1.98 -0.41 2.21
C LYS A 7 -1.24 -1.31 1.21
N TRP A 8 -0.39 -2.22 1.71
CA TRP A 8 0.42 -3.12 0.90
C TRP A 8 0.49 -4.47 1.63
N THR A 9 0.59 -5.57 0.88
CA THR A 9 0.66 -6.92 1.41
C THR A 9 1.60 -7.78 0.52
N PRO A 10 2.94 -7.69 0.68
CA PRO A 10 3.89 -8.40 -0.19
C PRO A 10 4.03 -9.88 0.23
N TRP A 11 3.14 -10.75 -0.27
CA TRP A 11 3.17 -12.21 -0.06
C TRP A 11 4.29 -12.83 -0.93
N ARG A 12 5.54 -12.52 -0.60
CA ARG A 12 6.78 -13.00 -1.21
C ARG A 12 7.96 -12.35 -0.46
N ARG A 13 9.03 -13.12 -0.24
CA ARG A 13 10.24 -12.70 0.47
C ARG A 13 11.13 -11.83 -0.45
N ILE A 1 -0.85 16.56 -5.74
CA ILE A 1 -1.50 15.92 -4.59
C ILE A 1 -2.09 14.59 -5.07
N LEU A 2 -2.23 13.60 -4.19
CA LEU A 2 -2.85 12.30 -4.43
C LEU A 2 -3.61 11.90 -3.15
N PRO A 3 -4.66 11.05 -3.23
CA PRO A 3 -5.27 10.45 -2.04
C PRO A 3 -4.36 9.35 -1.49
N TRP A 4 -4.03 9.40 -0.19
CA TRP A 4 -3.15 8.46 0.49
C TRP A 4 -3.92 7.14 0.72
N LYS A 5 -3.30 6.01 0.40
CA LYS A 5 -3.94 4.69 0.39
C LYS A 5 -2.86 3.61 0.41
N TRP A 6 -3.13 2.51 1.12
CA TRP A 6 -2.27 1.34 1.21
C TRP A 6 -3.14 0.12 1.54
N LYS A 7 -2.52 -1.05 1.65
CA LYS A 7 -3.11 -2.29 2.11
C LYS A 7 -2.08 -3.02 2.98
N TRP A 8 -2.54 -3.73 4.01
CA TRP A 8 -1.77 -4.80 4.64
C TRP A 8 -1.81 -5.95 3.63
N THR A 9 -0.68 -6.18 2.96
CA THR A 9 -0.51 -7.15 1.91
C THR A 9 1.00 -7.50 1.93
N PRO A 10 1.42 -8.64 2.51
CA PRO A 10 2.85 -8.97 2.66
C PRO A 10 3.49 -9.55 1.38
N TRP A 11 2.72 -9.72 0.31
CA TRP A 11 3.03 -10.44 -0.93
C TRP A 11 4.05 -9.68 -1.81
N ARG A 12 5.28 -9.51 -1.33
CA ARG A 12 6.42 -8.95 -2.04
C ARG A 12 7.71 -9.40 -1.32
N ARG A 13 8.83 -9.51 -2.06
CA ARG A 13 10.13 -9.91 -1.55
C ARG A 13 10.82 -8.71 -0.85
N ILE A 1 -6.20 18.43 -1.80
CA ILE A 1 -5.18 17.36 -1.72
C ILE A 1 -5.88 16.03 -2.03
N LEU A 2 -5.14 14.96 -2.37
CA LEU A 2 -5.68 13.63 -2.61
C LEU A 2 -4.67 12.59 -2.08
N PRO A 3 -4.79 12.12 -0.82
CA PRO A 3 -3.95 11.03 -0.31
C PRO A 3 -4.51 9.67 -0.79
N TRP A 4 -3.84 9.01 -1.73
CA TRP A 4 -4.25 7.75 -2.39
C TRP A 4 -4.50 6.57 -1.42
N LYS A 5 -3.64 6.41 -0.41
CA LYS A 5 -3.71 5.40 0.65
C LYS A 5 -3.50 3.97 0.09
N TRP A 6 -2.33 3.73 -0.52
CA TRP A 6 -1.81 2.40 -0.84
C TRP A 6 -1.53 1.65 0.47
N LYS A 7 -1.74 0.34 0.48
CA LYS A 7 -1.90 -0.46 1.71
C LYS A 7 -0.88 -1.59 1.85
N TRP A 8 -0.11 -1.89 0.78
CA TRP A 8 1.06 -2.77 0.77
C TRP A 8 0.77 -4.21 1.24
N THR A 9 -0.01 -4.97 0.44
CA THR A 9 -0.05 -6.43 0.49
C THR A 9 1.35 -7.08 0.53
N PRO A 10 1.61 -8.06 1.43
CA PRO A 10 2.98 -8.51 1.71
C PRO A 10 3.56 -9.40 0.60
N TRP A 11 4.89 -9.32 0.44
CA TRP A 11 5.66 -10.08 -0.52
C TRP A 11 5.91 -11.50 0.04
N ARG A 12 5.58 -12.51 -0.77
CA ARG A 12 5.81 -13.92 -0.49
C ARG A 12 7.31 -14.23 -0.34
N ARG A 13 7.72 -14.59 0.89
CA ARG A 13 9.09 -14.74 1.39
C ARG A 13 9.93 -15.79 0.63
N ILE A 1 -5.67 18.78 -1.07
CA ILE A 1 -5.88 17.49 -1.77
C ILE A 1 -5.02 16.47 -1.02
N LEU A 2 -5.44 15.20 -0.91
CA LEU A 2 -4.68 14.13 -0.24
C LEU A 2 -4.93 12.83 -1.03
N PRO A 3 -4.06 12.44 -1.99
CA PRO A 3 -4.25 11.22 -2.78
C PRO A 3 -3.75 9.98 -2.01
N TRP A 4 -4.60 9.40 -1.17
CA TRP A 4 -4.37 8.19 -0.38
C TRP A 4 -4.09 6.93 -1.23
N LYS A 5 -3.47 5.92 -0.60
CA LYS A 5 -3.31 4.54 -1.05
C LYS A 5 -3.36 3.66 0.20
N TRP A 6 -3.80 2.40 0.04
CA TRP A 6 -3.60 1.35 1.03
C TRP A 6 -2.21 0.73 0.81
N LYS A 7 -1.61 0.18 1.87
CA LYS A 7 -0.28 -0.45 1.85
C LYS A 7 -0.35 -1.87 1.25
N TRP A 8 -0.81 -1.96 0.00
CA TRP A 8 -1.00 -3.18 -0.78
C TRP A 8 0.36 -3.63 -1.34
N THR A 9 1.24 -4.07 -0.44
CA THR A 9 2.62 -4.49 -0.72
C THR A 9 2.91 -5.73 0.15
N PRO A 10 2.52 -6.95 -0.31
CA PRO A 10 2.63 -8.16 0.50
C PRO A 10 4.08 -8.72 0.51
N TRP A 11 4.49 -9.28 1.64
CA TRP A 11 5.72 -10.05 1.77
C TRP A 11 5.36 -11.51 1.43
N ARG A 12 6.19 -12.19 0.64
CA ARG A 12 5.93 -13.55 0.15
C ARG A 12 7.25 -14.28 -0.07
N ARG A 13 7.33 -15.57 0.32
CA ARG A 13 8.54 -16.39 0.24
C ARG A 13 8.63 -17.11 -1.12
N ILE A 1 1.53 15.40 -1.08
CA ILE A 1 0.69 14.36 -0.47
C ILE A 1 1.40 13.02 -0.61
N LEU A 2 0.98 11.98 0.12
CA LEU A 2 1.44 10.59 -0.07
C LEU A 2 0.48 9.90 -1.05
N PRO A 3 0.94 8.89 -1.83
CA PRO A 3 0.07 8.10 -2.71
C PRO A 3 -0.77 7.09 -1.91
N TRP A 4 -1.99 6.83 -2.40
CA TRP A 4 -3.05 5.98 -1.86
C TRP A 4 -2.71 4.48 -2.01
N LYS A 5 -1.70 4.03 -1.26
CA LYS A 5 -1.19 2.67 -1.26
C LYS A 5 -0.65 2.34 0.13
N TRP A 6 -1.14 1.26 0.74
CA TRP A 6 -0.71 0.75 2.04
C TRP A 6 -0.86 -0.78 2.03
N LYS A 7 -1.72 -1.33 2.90
CA LYS A 7 -2.14 -2.72 3.19
C LYS A 7 -1.92 -2.95 4.69
N TRP A 8 -2.83 -3.67 5.36
CA TRP A 8 -2.73 -4.04 6.78
C TRP A 8 -1.54 -4.95 7.09
N THR A 9 -1.22 -5.87 6.17
CA THR A 9 0.02 -6.62 6.15
C THR A 9 0.58 -6.48 4.73
N PRO A 10 1.81 -5.95 4.51
CA PRO A 10 2.31 -5.65 3.18
C PRO A 10 2.88 -6.85 2.40
N TRP A 11 3.10 -8.01 3.05
CA TRP A 11 3.88 -9.23 2.75
C TRP A 11 4.50 -9.45 1.34
N ARG A 12 3.81 -9.12 0.24
CA ARG A 12 4.34 -9.28 -1.12
C ARG A 12 3.98 -8.10 -2.03
N ARG A 13 4.73 -7.93 -3.13
CA ARG A 13 4.58 -6.85 -4.11
C ARG A 13 3.26 -6.97 -4.92
N ILE A 1 -4.73 17.62 -1.96
CA ILE A 1 -4.05 16.69 -1.05
C ILE A 1 -3.30 15.64 -1.89
N LEU A 2 -2.35 14.91 -1.31
CA LEU A 2 -1.68 13.77 -1.94
C LEU A 2 -1.50 12.73 -0.83
N PRO A 3 -2.38 11.71 -0.70
CA PRO A 3 -2.33 10.75 0.40
C PRO A 3 -1.34 9.60 0.15
N TRP A 4 -1.15 8.76 1.19
CA TRP A 4 -0.64 7.41 1.09
C TRP A 4 -1.81 6.50 0.66
N LYS A 5 -1.51 5.43 -0.08
CA LYS A 5 -2.47 4.56 -0.74
C LYS A 5 -2.20 3.14 -0.23
N TRP A 6 -3.10 2.62 0.60
CA TRP A 6 -3.03 1.33 1.27
C TRP A 6 -4.48 0.88 1.48
N LYS A 7 -4.80 -0.38 1.19
CA LYS A 7 -6.13 -0.97 1.43
C LYS A 7 -6.10 -2.50 1.64
N TRP A 8 -4.91 -3.07 1.83
CA TRP A 8 -4.66 -4.48 2.09
C TRP A 8 -3.22 -4.58 2.59
N THR A 9 -2.78 -5.75 3.06
CA THR A 9 -1.48 -5.93 3.71
C THR A 9 -0.71 -7.11 3.03
N PRO A 10 -0.22 -6.93 1.78
CA PRO A 10 0.48 -7.98 1.05
C PRO A 10 1.95 -8.09 1.52
N TRP A 11 2.28 -9.15 2.27
CA TRP A 11 3.64 -9.45 2.71
C TRP A 11 4.46 -9.92 1.49
N ARG A 12 5.18 -8.99 0.87
CA ARG A 12 6.13 -9.22 -0.20
C ARG A 12 7.54 -9.31 0.42
N ARG A 13 8.40 -10.16 -0.15
CA ARG A 13 9.82 -10.21 0.15
C ARG A 13 10.52 -9.33 -0.89
N ILE A 1 0.67 14.14 -2.91
CA ILE A 1 -0.70 13.65 -3.11
C ILE A 1 -0.90 12.44 -2.19
N LEU A 2 -2.12 11.92 -2.07
CA LEU A 2 -2.47 10.73 -1.28
C LEU A 2 -3.52 9.97 -2.11
N PRO A 3 -3.11 9.05 -3.02
CA PRO A 3 -4.02 8.42 -3.99
C PRO A 3 -4.83 7.27 -3.36
N TRP A 4 -5.78 7.61 -2.49
CA TRP A 4 -6.64 6.72 -1.70
C TRP A 4 -5.93 6.27 -0.41
N LYS A 5 -6.67 5.68 0.52
CA LYS A 5 -6.13 5.10 1.75
C LYS A 5 -5.57 3.71 1.41
N TRP A 6 -4.28 3.67 1.08
CA TRP A 6 -3.52 2.45 0.82
C TRP A 6 -3.15 1.74 2.14
N LYS A 7 -2.55 0.56 2.03
CA LYS A 7 -2.23 -0.33 3.13
C LYS A 7 -0.93 -1.09 2.86
N TRP A 8 -0.30 -1.63 3.93
CA TRP A 8 0.89 -2.46 3.91
C TRP A 8 0.74 -3.69 3.00
N THR A 9 1.70 -3.87 2.09
CA THR A 9 1.67 -4.79 0.97
C THR A 9 3.09 -5.41 0.85
N PRO A 10 3.46 -6.34 1.75
CA PRO A 10 4.83 -6.86 1.84
C PRO A 10 5.07 -7.98 0.81
N TRP A 11 6.28 -8.02 0.23
CA TRP A 11 6.75 -9.10 -0.63
C TRP A 11 7.13 -10.30 0.26
N ARG A 12 6.19 -11.23 0.43
CA ARG A 12 6.28 -12.42 1.27
C ARG A 12 7.19 -13.48 0.60
N ARG A 13 8.49 -13.18 0.55
CA ARG A 13 9.68 -13.75 -0.13
C ARG A 13 9.78 -15.24 -0.54
N ILE A 1 0.29 14.09 -6.36
CA ILE A 1 0.14 12.65 -6.59
C ILE A 1 -0.98 12.14 -5.67
N LEU A 2 -1.34 10.85 -5.75
CA LEU A 2 -2.26 10.20 -4.82
C LEU A 2 -1.47 9.73 -3.57
N PRO A 3 -2.12 9.58 -2.39
CA PRO A 3 -1.49 9.05 -1.18
C PRO A 3 -1.35 7.51 -1.22
N TRP A 4 -0.85 6.93 -0.12
CA TRP A 4 -0.64 5.50 0.14
C TRP A 4 -1.86 4.59 -0.13
N LYS A 5 -1.64 3.27 -0.13
CA LYS A 5 -2.64 2.23 -0.22
C LYS A 5 -2.51 1.40 1.06
N TRP A 6 -3.60 1.23 1.80
CA TRP A 6 -3.68 0.32 2.94
C TRP A 6 -4.12 -1.05 2.41
N LYS A 7 -3.60 -2.12 3.00
CA LYS A 7 -4.04 -3.49 2.83
C LYS A 7 -3.51 -4.27 4.04
N TRP A 8 -4.28 -5.23 4.56
CA TRP A 8 -3.92 -6.10 5.69
C TRP A 8 -2.85 -7.17 5.32
N THR A 9 -2.28 -7.07 4.11
CA THR A 9 -1.25 -7.93 3.53
C THR A 9 -0.41 -7.00 2.64
N PRO A 10 0.54 -6.20 3.22
CA PRO A 10 1.26 -5.16 2.50
C PRO A 10 2.43 -5.73 1.67
N TRP A 11 2.11 -6.30 0.50
CA TRP A 11 3.10 -6.83 -0.45
C TRP A 11 3.91 -5.67 -1.07
N ARG A 12 5.23 -5.73 -0.90
CA ARG A 12 6.18 -4.78 -1.43
C ARG A 12 6.74 -5.39 -2.72
N ARG A 13 6.69 -4.64 -3.83
CA ARG A 13 7.31 -5.01 -5.10
C ARG A 13 8.84 -4.89 -4.97
N ILE A 1 -5.61 7.75 -7.32
CA ILE A 1 -4.51 7.77 -6.34
C ILE A 1 -5.02 7.12 -5.04
N LEU A 2 -4.13 6.85 -4.09
CA LEU A 2 -4.49 6.49 -2.71
C LEU A 2 -4.52 7.79 -1.87
N PRO A 3 -5.20 7.79 -0.70
CA PRO A 3 -5.18 8.94 0.23
C PRO A 3 -3.85 8.98 1.01
N TRP A 4 -3.65 10.04 1.80
CA TRP A 4 -2.44 10.33 2.59
C TRP A 4 -2.21 9.38 3.79
N LYS A 5 -2.90 8.24 3.85
CA LYS A 5 -2.70 7.17 4.83
C LYS A 5 -2.80 5.84 4.10
N TRP A 6 -1.76 5.02 4.22
CA TRP A 6 -1.66 3.69 3.63
C TRP A 6 -2.44 2.70 4.51
N LYS A 7 -3.03 1.65 3.92
CA LYS A 7 -3.78 0.61 4.60
C LYS A 7 -3.63 -0.74 3.89
N TRP A 8 -2.40 -1.10 3.54
CA TRP A 8 -2.01 -2.31 2.84
C TRP A 8 -0.64 -2.76 3.35
N THR A 9 -0.17 -3.95 2.94
CA THR A 9 1.10 -4.54 3.33
C THR A 9 1.81 -5.04 2.05
N PRO A 10 2.70 -4.24 1.42
CA PRO A 10 3.42 -4.65 0.21
C PRO A 10 4.58 -5.59 0.61
N TRP A 11 4.64 -6.78 -0.01
CA TRP A 11 5.67 -7.77 0.22
C TRP A 11 5.92 -8.59 -1.05
N ARG A 12 6.96 -9.42 -1.05
CA ARG A 12 7.32 -10.31 -2.15
C ARG A 12 6.93 -11.74 -1.75
N ARG A 13 6.24 -12.47 -2.64
CA ARG A 13 5.77 -13.84 -2.47
C ARG A 13 6.91 -14.88 -2.48
N ILE A 1 -0.91 15.07 -0.30
CA ILE A 1 -1.35 13.77 0.22
C ILE A 1 -2.36 13.21 -0.78
N LEU A 2 -2.45 11.88 -0.95
CA LEU A 2 -3.38 11.23 -1.87
C LEU A 2 -4.73 10.97 -1.16
N PRO A 3 -5.88 11.05 -1.88
CA PRO A 3 -7.23 10.92 -1.29
C PRO A 3 -7.51 9.49 -0.81
N TRP A 4 -7.60 8.52 -1.74
CA TRP A 4 -7.50 7.10 -1.45
C TRP A 4 -6.02 6.70 -1.62
N LYS A 5 -5.60 5.57 -1.02
CA LYS A 5 -4.26 5.04 -1.08
C LYS A 5 -4.34 3.52 -0.97
N TRP A 6 -3.63 2.79 -1.84
CA TRP A 6 -3.57 1.33 -1.83
C TRP A 6 -2.51 0.91 -0.79
N LYS A 7 -1.23 1.20 -1.10
CA LYS A 7 -0.02 0.81 -0.35
C LYS A 7 0.10 -0.73 -0.32
N TRP A 8 0.63 -1.33 -1.39
CA TRP A 8 1.02 -2.74 -1.39
C TRP A 8 2.13 -2.99 -0.37
N THR A 9 1.98 -4.00 0.48
CA THR A 9 2.84 -4.27 1.62
C THR A 9 2.96 -5.81 1.82
N PRO A 10 3.51 -6.58 0.85
CA PRO A 10 3.48 -8.04 0.90
C PRO A 10 4.55 -8.63 1.85
N TRP A 11 4.12 -9.43 2.82
CA TRP A 11 5.00 -10.19 3.73
C TRP A 11 5.66 -11.35 2.96
N ARG A 12 4.87 -12.05 2.13
CA ARG A 12 5.26 -13.21 1.36
C ARG A 12 5.90 -12.73 0.03
N ARG A 13 6.96 -11.91 0.18
CA ARG A 13 7.76 -11.06 -0.72
C ARG A 13 7.96 -11.39 -2.22
N ILE A 1 -3.05 7.68 -8.66
CA ILE A 1 -3.63 7.16 -7.41
C ILE A 1 -3.01 7.99 -6.29
N LEU A 2 -3.68 8.17 -5.14
CA LEU A 2 -3.15 8.83 -3.95
C LEU A 2 -3.66 8.03 -2.74
N PRO A 3 -2.80 7.50 -1.85
CA PRO A 3 -3.24 6.76 -0.67
C PRO A 3 -3.69 7.74 0.44
N TRP A 4 -4.96 8.17 0.42
CA TRP A 4 -5.59 9.03 1.45
C TRP A 4 -5.90 8.24 2.75
N LYS A 5 -4.88 7.54 3.26
CA LYS A 5 -4.72 6.73 4.48
C LYS A 5 -3.67 5.65 4.15
N TRP A 6 -2.81 5.33 5.12
CA TRP A 6 -1.66 4.45 4.95
C TRP A 6 -2.06 2.97 4.79
N LYS A 7 -1.24 2.23 4.05
CA LYS A 7 -1.34 0.79 3.84
C LYS A 7 0.05 0.19 4.06
N TRP A 8 0.49 0.11 5.32
CA TRP A 8 1.72 -0.57 5.72
C TRP A 8 1.44 -2.08 5.67
N THR A 9 1.71 -2.68 4.50
CA THR A 9 1.44 -4.08 4.19
C THR A 9 2.44 -4.56 3.11
N PRO A 10 3.75 -4.67 3.41
CA PRO A 10 4.79 -4.91 2.40
C PRO A 10 4.81 -6.37 1.93
N TRP A 11 4.14 -6.67 0.80
CA TRP A 11 4.21 -7.96 0.14
C TRP A 11 5.57 -8.04 -0.59
N ARG A 12 6.54 -8.71 0.05
CA ARG A 12 7.86 -9.04 -0.48
C ARG A 12 7.80 -9.72 -1.87
N ARG A 13 8.54 -9.21 -2.85
CA ARG A 13 8.51 -9.58 -4.27
C ARG A 13 9.17 -10.96 -4.54
N ILE A 1 -1.32 17.03 -4.38
CA ILE A 1 -0.94 15.82 -3.64
C ILE A 1 -2.23 15.08 -3.33
N LEU A 2 -2.22 13.75 -3.19
CA LEU A 2 -3.38 12.93 -2.83
C LEU A 2 -2.87 11.84 -1.88
N PRO A 3 -3.22 11.85 -0.57
CA PRO A 3 -2.84 10.79 0.36
C PRO A 3 -3.78 9.57 0.20
N TRP A 4 -3.40 8.62 -0.66
CA TRP A 4 -4.13 7.38 -0.87
C TRP A 4 -3.78 6.44 0.31
N LYS A 5 -4.76 6.22 1.20
CA LYS A 5 -4.61 5.50 2.45
C LYS A 5 -4.95 4.03 2.23
N TRP A 6 -3.98 3.14 2.51
CA TRP A 6 -3.99 1.69 2.35
C TRP A 6 -3.52 1.27 0.95
N LYS A 7 -2.67 0.24 0.89
CA LYS A 7 -2.24 -0.48 -0.30
C LYS A 7 -1.94 -1.90 0.16
N TRP A 8 -2.00 -2.88 -0.75
CA TRP A 8 -1.55 -4.24 -0.50
C TRP A 8 -0.02 -4.27 -0.64
N THR A 9 0.68 -4.83 0.35
CA THR A 9 2.13 -4.90 0.39
C THR A 9 2.64 -6.20 -0.28
N PRO A 10 3.85 -6.19 -0.88
CA PRO A 10 4.38 -7.37 -1.58
C PRO A 10 4.87 -8.45 -0.60
N TRP A 11 4.66 -9.72 -0.97
CA TRP A 11 5.05 -10.88 -0.18
C TRP A 11 6.57 -11.12 -0.31
N ARG A 12 7.18 -11.67 0.74
CA ARG A 12 8.62 -11.89 0.90
C ARG A 12 9.17 -13.03 -0.01
N ARG A 13 8.33 -13.60 -0.87
CA ARG A 13 8.64 -14.50 -1.98
C ARG A 13 8.74 -15.97 -1.54
N ILE A 1 -4.86 11.30 -8.54
CA ILE A 1 -4.22 11.26 -7.22
C ILE A 1 -3.84 9.80 -6.94
N LEU A 2 -2.88 9.54 -6.06
CA LEU A 2 -2.46 8.21 -5.63
C LEU A 2 -2.32 8.31 -4.10
N PRO A 3 -3.20 7.67 -3.29
CA PRO A 3 -3.14 7.75 -1.82
C PRO A 3 -2.13 6.75 -1.24
N TRP A 4 -1.62 7.05 -0.04
CA TRP A 4 -0.82 6.12 0.76
C TRP A 4 -1.73 5.00 1.29
N LYS A 5 -1.33 3.74 1.06
CA LYS A 5 -2.11 2.56 1.38
C LYS A 5 -1.99 2.23 2.88
N TRP A 6 -2.71 3.00 3.71
CA TRP A 6 -2.83 2.84 5.15
C TRP A 6 -3.48 1.47 5.47
N LYS A 7 -2.66 0.52 5.94
CA LYS A 7 -2.96 -0.87 6.29
C LYS A 7 -2.78 -1.79 5.08
N TRP A 8 -1.59 -1.73 4.45
CA TRP A 8 -1.18 -2.64 3.40
C TRP A 8 0.30 -3.02 3.62
N THR A 9 0.53 -4.18 4.23
CA THR A 9 1.79 -4.93 4.22
C THR A 9 2.34 -5.20 2.80
N PRO A 10 3.68 -5.23 2.59
CA PRO A 10 4.28 -5.46 1.28
C PRO A 10 4.19 -6.93 0.85
N TRP A 11 3.81 -7.15 -0.41
CA TRP A 11 3.66 -8.48 -1.01
C TRP A 11 5.00 -8.96 -1.60
N ARG A 12 5.08 -10.26 -1.93
CA ARG A 12 6.25 -10.91 -2.49
C ARG A 12 6.36 -10.57 -4.00
N ARG A 13 7.46 -9.92 -4.41
CA ARG A 13 7.76 -9.49 -5.78
C ARG A 13 8.01 -10.66 -6.77
#